data_9DUA
#
_entry.id   9DUA
#
_cell.length_a   57.545
_cell.length_b   80.309
_cell.length_c   91.667
_cell.angle_alpha   90.00
_cell.angle_beta   90.00
_cell.angle_gamma   90.00
#
_symmetry.space_group_name_H-M   'P 21 21 21'
#
loop_
_entity.id
_entity.type
_entity.pdbx_description
1 polymer 'ADP-ribose pyrophosphatase'
2 non-polymer "GUANOSINE-5'-MONOPHOSPHATE"
3 non-polymer 'MAGNESIUM ION'
4 water water
#
_entity_poly.entity_id   1
_entity_poly.type   'polypeptide(L)'
_entity_poly.pdbx_seq_one_letter_code
;MHHHHHHMSKPTQQGITFSKNDVEIIARETLYRGFFSLDLYRFRHRLFNGGMSGEITREIFERGHAAVLLPFDPVRDEVV
LVEQIRIAAYDTSESPWLLEMVAGMIEAGETVEDVARREALEEAGLEVGRTKPILSYLASPGGTSERLSILVGEVDASTA
KGIHGLAEENEDIRVHVVSREQAYQWVEEGKIDNAASVIALQWLQLHYHNLRNEWTK
;
_entity_poly.pdbx_strand_id   A,B
#
loop_
_chem_comp.id
_chem_comp.type
_chem_comp.name
_chem_comp.formula
5GP non-polymer GUANOSINE-5'-MONOPHOSPHATE 'C10 H14 N5 O8 P'
MG non-polymer 'MAGNESIUM ION' 'Mg 2'
#
# COMPACT_ATOMS: atom_id res chain seq x y z
N MET A 1 28.49 10.64 30.12
CA MET A 1 29.03 9.40 29.51
C MET A 1 29.64 9.67 28.13
N HIS A 2 30.18 10.86 27.92
CA HIS A 2 30.73 11.17 26.60
C HIS A 2 31.99 10.36 26.31
N HIS A 3 32.71 9.92 27.35
CA HIS A 3 33.85 9.05 27.14
C HIS A 3 33.46 7.60 26.92
N HIS A 4 32.19 7.24 27.17
CA HIS A 4 31.71 5.93 26.79
C HIS A 4 31.68 5.82 25.27
N HIS A 5 32.06 4.66 24.76
CA HIS A 5 32.19 4.47 23.34
C HIS A 5 30.83 4.16 22.73
N HIS A 6 30.74 4.38 21.42
CA HIS A 6 29.46 4.24 20.73
C HIS A 6 28.84 2.88 20.98
N HIS A 7 29.65 1.83 21.04
CA HIS A 7 29.12 0.48 21.16
C HIS A 7 28.60 0.16 22.55
N MET A 8 28.80 1.03 23.54
CA MET A 8 28.31 0.80 24.88
C MET A 8 26.88 1.30 25.07
N SER A 9 26.29 1.93 24.06
CA SER A 9 24.91 2.40 24.15
C SER A 9 23.96 1.24 24.44
N GLY A 15 15.11 -3.79 15.01
CA GLY A 15 14.13 -3.03 14.29
C GLY A 15 14.70 -1.73 13.76
N ILE A 16 13.88 -0.67 13.71
CA ILE A 16 14.35 0.60 13.17
C ILE A 16 15.37 1.24 14.11
N THR A 17 16.11 2.19 13.56
CA THR A 17 17.27 2.76 14.22
C THR A 17 16.98 4.09 14.90
N PHE A 18 16.08 4.89 14.35
CA PHE A 18 15.89 6.26 14.76
C PHE A 18 14.42 6.54 15.03
N SER A 19 14.17 7.58 15.83
CA SER A 19 12.84 7.96 16.28
C SER A 19 12.57 9.42 15.88
N LYS A 20 11.45 9.95 16.37
CA LYS A 20 11.10 11.34 16.09
C LYS A 20 12.07 12.34 16.73
N ASN A 21 12.77 11.96 17.79
CA ASN A 21 13.79 12.84 18.33
C ASN A 21 14.94 13.05 17.35
N ASP A 22 15.05 12.19 16.34
CA ASP A 22 16.18 12.20 15.41
C ASP A 22 15.87 12.95 14.12
N VAL A 23 14.71 13.57 14.01
CA VAL A 23 14.36 14.37 12.84
C VAL A 23 13.83 15.71 13.34
N GLU A 24 14.21 16.77 12.63
CA GLU A 24 13.71 18.11 12.88
C GLU A 24 12.96 18.57 11.64
N ILE A 25 11.66 18.78 11.75
CA ILE A 25 10.87 19.33 10.66
C ILE A 25 10.96 20.85 10.78
N ILE A 26 11.70 21.46 9.84
CA ILE A 26 12.01 22.88 9.92
C ILE A 26 10.80 23.73 9.52
N ALA A 27 10.07 23.30 8.50
CA ALA A 27 8.99 24.10 7.96
C ALA A 27 8.04 23.22 7.19
N ARG A 28 6.76 23.59 7.22
CA ARG A 28 5.75 23.00 6.37
C ARG A 28 4.99 24.11 5.67
N GLU A 29 4.69 23.91 4.39
CA GLU A 29 3.92 24.88 3.62
C GLU A 29 2.87 24.12 2.83
N THR A 30 1.69 24.69 2.66
CA THR A 30 0.69 24.12 1.78
C THR A 30 0.76 24.90 0.48
N LEU A 31 1.14 24.20 -0.60
CA LEU A 31 1.31 24.81 -1.91
C LEU A 31 0.06 24.74 -2.77
N TYR A 32 -0.81 23.76 -2.50
CA TYR A 32 -2.10 23.66 -3.18
C TYR A 32 -3.10 23.23 -2.13
N ARG A 33 -4.26 23.90 -2.11
CA ARG A 33 -5.36 23.51 -1.23
C ARG A 33 -6.65 23.49 -2.05
N GLY A 34 -7.24 22.32 -2.15
CA GLY A 34 -8.54 22.16 -2.77
C GLY A 34 -9.33 21.16 -1.97
N PHE A 35 -9.84 20.12 -2.61
CA PHE A 35 -10.39 19.01 -1.83
C PHE A 35 -9.27 18.29 -1.07
N PHE A 36 -8.14 18.09 -1.72
CA PHE A 36 -6.94 17.57 -1.11
C PHE A 36 -5.90 18.68 -1.04
N SER A 37 -4.72 18.38 -0.51
CA SER A 37 -3.66 19.36 -0.37
CA SER A 37 -3.67 19.38 -0.43
C SER A 37 -2.34 18.77 -0.87
N LEU A 38 -1.46 19.66 -1.34
CA LEU A 38 -0.09 19.30 -1.69
C LEU A 38 0.77 20.15 -0.77
N ASP A 39 1.49 19.49 0.13
CA ASP A 39 2.29 20.15 1.15
C ASP A 39 3.77 19.97 0.84
N LEU A 40 4.58 20.87 1.40
CA LEU A 40 6.02 20.84 1.26
C LEU A 40 6.59 20.77 2.66
N TYR A 41 7.35 19.71 2.94
CA TYR A 41 8.04 19.57 4.23
C TYR A 41 9.52 19.90 4.02
N ARG A 42 10.08 20.69 4.93
CA ARG A 42 11.51 20.93 4.98
C ARG A 42 12.03 20.38 6.31
N PHE A 43 13.08 19.57 6.25
CA PHE A 43 13.50 18.85 7.45
C PHE A 43 14.97 18.45 7.35
N ARG A 44 15.53 18.14 8.51
CA ARG A 44 16.85 17.50 8.59
C ARG A 44 16.74 16.29 9.50
N HIS A 45 17.60 15.31 9.28
CA HIS A 45 17.47 14.05 10.01
C HIS A 45 18.83 13.41 10.25
N ARG A 46 18.88 12.58 11.29
CA ARG A 46 20.08 11.82 11.58
C ARG A 46 20.40 10.85 10.44
N LEU A 47 21.70 10.66 10.21
CA LEU A 47 22.22 9.72 9.23
C LEU A 47 22.74 8.49 9.95
N PHE A 48 22.66 7.34 9.26
CA PHE A 48 23.12 6.09 9.86
C PHE A 48 24.59 6.13 10.26
N ASN A 49 25.40 6.94 9.58
CA ASN A 49 26.83 7.07 9.90
C ASN A 49 27.08 7.92 11.13
N GLY A 50 26.08 8.64 11.65
CA GLY A 50 26.28 9.40 12.88
C GLY A 50 25.94 10.88 12.79
N GLY A 51 26.11 11.48 11.63
CA GLY A 51 25.90 12.91 11.49
C GLY A 51 24.45 13.28 11.28
N MET A 52 24.26 14.54 10.91
CA MET A 52 22.94 15.06 10.58
C MET A 52 22.92 15.45 9.12
N SER A 53 21.79 15.23 8.46
CA SER A 53 21.67 15.63 7.08
C SER A 53 21.60 17.16 7.00
N GLY A 54 21.78 17.67 5.78
CA GLY A 54 21.39 19.03 5.49
C GLY A 54 19.89 19.09 5.36
N GLU A 55 19.39 20.29 5.03
CA GLU A 55 17.95 20.46 4.90
C GLU A 55 17.44 19.79 3.63
N ILE A 56 16.38 19.00 3.78
CA ILE A 56 15.78 18.25 2.68
C ILE A 56 14.36 18.77 2.51
N THR A 57 13.89 18.83 1.27
CA THR A 57 12.53 19.24 0.97
CA THR A 57 12.53 19.25 0.96
C THR A 57 11.82 18.12 0.21
N ARG A 58 10.59 17.84 0.61
CA ARG A 58 9.78 16.80 -0.01
C ARG A 58 8.34 17.28 -0.16
N GLU A 59 7.75 16.99 -1.32
CA GLU A 59 6.33 17.19 -1.55
C GLU A 59 5.56 16.03 -0.98
N ILE A 60 4.42 16.32 -0.35
CA ILE A 60 3.61 15.31 0.32
C ILE A 60 2.15 15.54 -0.10
N PHE A 61 1.53 14.51 -0.67
CA PHE A 61 0.11 14.54 -0.98
C PHE A 61 -0.66 14.24 0.30
N GLU A 62 -1.52 15.19 0.71
CA GLU A 62 -2.23 15.12 1.98
C GLU A 62 -3.73 15.06 1.72
N ARG A 63 -4.34 13.96 2.14
CA ARG A 63 -5.77 13.77 1.90
C ARG A 63 -6.47 13.18 3.12
N GLY A 64 -5.89 13.31 4.30
CA GLY A 64 -6.45 12.67 5.47
C GLY A 64 -6.24 11.16 5.41
N HIS A 65 -6.98 10.49 6.28
CA HIS A 65 -6.78 9.07 6.59
C HIS A 65 -8.13 8.37 6.61
N ALA A 66 -8.10 7.05 6.43
CA ALA A 66 -9.29 6.30 6.12
C ALA A 66 -9.49 5.10 7.03
N ALA A 67 -10.76 4.72 7.19
CA ALA A 67 -11.16 3.47 7.79
C ALA A 67 -11.67 2.56 6.67
N VAL A 68 -11.32 1.28 6.74
CA VAL A 68 -11.65 0.31 5.70
C VAL A 68 -12.29 -0.89 6.37
N LEU A 69 -13.34 -1.44 5.76
CA LEU A 69 -14.00 -2.61 6.33
C LEU A 69 -14.11 -3.71 5.28
N LEU A 70 -13.58 -4.89 5.62
CA LEU A 70 -13.79 -6.11 4.86
C LEU A 70 -15.06 -6.76 5.38
N PRO A 71 -16.16 -6.77 4.60
CA PRO A 71 -17.37 -7.44 5.08
C PRO A 71 -17.29 -8.92 4.81
N PHE A 72 -17.22 -9.73 5.88
CA PHE A 72 -17.06 -11.17 5.78
C PHE A 72 -18.24 -11.87 6.44
N ASP A 73 -18.86 -12.81 5.73
CA ASP A 73 -19.93 -13.62 6.28
C ASP A 73 -19.34 -14.97 6.67
N PRO A 74 -19.16 -15.26 7.96
CA PRO A 74 -18.46 -16.49 8.34
C PRO A 74 -19.32 -17.73 8.21
N VAL A 75 -20.65 -17.56 8.18
CA VAL A 75 -21.52 -18.71 7.96
C VAL A 75 -21.40 -19.20 6.53
N ARG A 76 -21.37 -18.27 5.57
CA ARG A 76 -21.40 -18.58 4.16
C ARG A 76 -20.03 -18.57 3.51
N ASP A 77 -18.99 -18.15 4.23
CA ASP A 77 -17.64 -18.00 3.67
C ASP A 77 -17.69 -17.11 2.43
N GLU A 78 -18.33 -15.95 2.59
CA GLU A 78 -18.52 -14.99 1.51
C GLU A 78 -18.02 -13.61 1.93
N VAL A 79 -17.66 -12.82 0.92
CA VAL A 79 -17.22 -11.44 1.05
CA VAL A 79 -17.28 -11.44 1.12
C VAL A 79 -18.18 -10.57 0.26
N VAL A 80 -18.39 -9.34 0.73
CA VAL A 80 -19.18 -8.34 0.02
C VAL A 80 -18.20 -7.29 -0.52
N LEU A 81 -18.25 -7.07 -1.82
CA LEU A 81 -17.42 -6.09 -2.51
C LEU A 81 -18.30 -4.97 -3.02
N VAL A 82 -17.74 -3.77 -3.10
CA VAL A 82 -18.45 -2.63 -3.67
C VAL A 82 -17.74 -2.20 -4.94
N GLU A 83 -18.50 -1.96 -6.00
CA GLU A 83 -17.96 -1.54 -7.28
C GLU A 83 -18.30 -0.08 -7.50
N GLN A 84 -17.29 0.70 -7.89
CA GLN A 84 -17.53 2.08 -8.31
C GLN A 84 -16.36 2.55 -9.15
N ILE A 85 -16.56 3.64 -9.89
CA ILE A 85 -15.52 4.14 -10.76
C ILE A 85 -14.47 4.88 -9.94
N ARG A 86 -13.20 4.62 -10.25
CA ARG A 86 -12.05 5.32 -9.66
C ARG A 86 -11.24 5.79 -10.86
N ILE A 87 -11.48 7.03 -11.29
CA ILE A 87 -10.90 7.48 -12.55
C ILE A 87 -9.37 7.44 -12.56
N ALA A 88 -8.74 7.56 -11.38
CA ALA A 88 -7.27 7.51 -11.35
C ALA A 88 -6.72 6.18 -11.80
N ALA A 89 -7.54 5.12 -11.79
CA ALA A 89 -7.10 3.82 -12.27
C ALA A 89 -7.03 3.75 -13.79
N TYR A 90 -7.59 4.75 -14.49
CA TYR A 90 -7.82 4.62 -15.92
C TYR A 90 -6.55 4.32 -16.70
N ASP A 91 -5.47 5.05 -16.41
CA ASP A 91 -4.31 5.01 -17.30
C ASP A 91 -3.54 3.69 -17.21
N THR A 92 -3.72 2.91 -16.14
CA THR A 92 -2.97 1.67 -15.97
C THR A 92 -3.85 0.44 -15.83
N SER A 93 -5.14 0.56 -16.10
CA SER A 93 -6.06 -0.54 -15.87
C SER A 93 -6.98 -0.70 -17.07
N GLU A 94 -7.50 -1.91 -17.27
CA GLU A 94 -8.43 -2.13 -18.38
C GLU A 94 -9.72 -1.35 -18.18
N SER A 95 -10.20 -1.23 -16.94
CA SER A 95 -11.39 -0.47 -16.63
C SER A 95 -11.16 0.34 -15.35
N PRO A 96 -11.70 1.56 -15.27
CA PRO A 96 -11.59 2.32 -14.01
C PRO A 96 -12.62 1.92 -12.96
N TRP A 97 -13.57 1.05 -13.29
CA TRP A 97 -14.48 0.53 -12.26
C TRP A 97 -13.76 -0.57 -11.50
N LEU A 98 -13.64 -0.40 -10.18
CA LEU A 98 -12.90 -1.31 -9.33
C LEU A 98 -13.82 -2.00 -8.33
N LEU A 99 -13.43 -3.20 -7.93
CA LEU A 99 -14.06 -3.93 -6.83
C LEU A 99 -13.24 -3.66 -5.56
N GLU A 100 -13.90 -3.14 -4.53
CA GLU A 100 -13.19 -2.62 -3.37
C GLU A 100 -13.88 -2.97 -2.06
N MET A 101 -13.15 -2.73 -0.99
CA MET A 101 -13.68 -2.71 0.36
C MET A 101 -14.46 -1.43 0.63
N VAL A 102 -15.41 -1.54 1.56
CA VAL A 102 -16.05 -0.38 2.15
C VAL A 102 -14.99 0.51 2.79
N ALA A 103 -15.12 1.82 2.63
CA ALA A 103 -14.13 2.72 3.20
C ALA A 103 -14.67 4.14 3.27
N GLY A 104 -14.12 4.91 4.22
CA GLY A 104 -14.44 6.33 4.32
C GLY A 104 -13.39 7.09 5.11
N MET A 105 -13.40 8.41 4.93
CA MET A 105 -12.46 9.26 5.64
C MET A 105 -12.80 9.31 7.13
N ILE A 106 -11.77 9.40 7.96
CA ILE A 106 -11.93 9.57 9.40
C ILE A 106 -11.86 11.06 9.71
N GLU A 107 -12.92 11.59 10.32
CA GLU A 107 -12.98 12.99 10.69
C GLU A 107 -12.47 13.18 12.11
N ALA A 108 -12.32 14.45 12.50
CA ALA A 108 -11.73 14.77 13.79
C ALA A 108 -12.50 14.12 14.92
N GLY A 109 -11.79 13.38 15.77
CA GLY A 109 -12.38 12.75 16.92
C GLY A 109 -13.12 11.46 16.66
N GLU A 110 -13.22 11.02 15.40
CA GLU A 110 -13.92 9.78 15.10
C GLU A 110 -12.99 8.59 15.26
N THR A 111 -13.57 7.44 15.55
CA THR A 111 -12.80 6.20 15.64
C THR A 111 -12.92 5.42 14.32
N VAL A 112 -11.91 4.59 14.08
CA VAL A 112 -11.92 3.72 12.91
C VAL A 112 -13.19 2.87 12.90
N GLU A 113 -13.54 2.29 14.05
CA GLU A 113 -14.69 1.40 14.10
C GLU A 113 -15.98 2.14 13.77
N ASP A 114 -16.15 3.34 14.32
CA ASP A 114 -17.38 4.08 14.06
C ASP A 114 -17.53 4.39 12.58
N VAL A 115 -16.44 4.78 11.92
CA VAL A 115 -16.51 5.09 10.50
C VAL A 115 -16.75 3.83 9.69
N ALA A 116 -16.04 2.75 10.00
CA ALA A 116 -16.19 1.52 9.25
C ALA A 116 -17.63 1.02 9.31
N ARG A 117 -18.21 1.02 10.52
CA ARG A 117 -19.60 0.58 10.66
C ARG A 117 -20.54 1.50 9.90
N ARG A 118 -20.34 2.81 10.01
CA ARG A 118 -21.20 3.76 9.33
C ARG A 118 -21.15 3.56 7.82
N GLU A 119 -19.96 3.47 7.25
CA GLU A 119 -19.83 3.35 5.80
C GLU A 119 -20.40 2.03 5.30
N ALA A 120 -20.23 0.95 6.08
CA ALA A 120 -20.77 -0.34 5.65
C ALA A 120 -22.27 -0.25 5.45
N LEU A 121 -22.97 0.46 6.33
CA LEU A 121 -24.41 0.61 6.19
C LEU A 121 -24.76 1.50 5.00
N GLU A 122 -23.95 2.54 4.73
CA GLU A 122 -24.29 3.53 3.71
C GLU A 122 -23.90 3.08 2.30
N GLU A 123 -22.73 2.45 2.13
CA GLU A 123 -22.31 2.02 0.80
C GLU A 123 -22.95 0.70 0.39
N ALA A 124 -23.00 -0.26 1.30
CA ALA A 124 -23.42 -1.62 0.97
C ALA A 124 -24.71 -2.03 1.66
N GLY A 125 -25.30 -1.17 2.47
CA GLY A 125 -26.53 -1.51 3.17
C GLY A 125 -26.37 -2.65 4.14
N LEU A 126 -25.17 -2.82 4.70
CA LEU A 126 -24.87 -3.96 5.56
C LEU A 126 -24.83 -3.52 7.01
N GLU A 127 -25.57 -4.23 7.86
CA GLU A 127 -25.40 -4.13 9.30
C GLU A 127 -24.22 -5.00 9.70
N VAL A 128 -23.32 -4.45 10.49
CA VAL A 128 -22.13 -5.15 10.93
C VAL A 128 -22.32 -5.62 12.37
N GLY A 129 -21.94 -6.87 12.64
CA GLY A 129 -21.95 -7.42 13.98
C GLY A 129 -20.61 -7.17 14.65
N ARG A 130 -19.85 -8.23 14.93
CA ARG A 130 -18.52 -8.06 15.50
C ARG A 130 -17.53 -7.52 14.47
N THR A 131 -16.49 -6.85 14.98
CA THR A 131 -15.34 -6.46 14.16
C THR A 131 -14.05 -6.91 14.85
N LYS A 132 -13.01 -7.08 14.03
CA LYS A 132 -11.66 -7.33 14.53
C LYS A 132 -10.71 -6.51 13.67
N PRO A 133 -9.63 -5.98 14.25
CA PRO A 133 -8.63 -5.31 13.41
C PRO A 133 -7.93 -6.27 12.46
N ILE A 134 -7.61 -5.78 11.27
CA ILE A 134 -6.72 -6.50 10.37
C ILE A 134 -5.33 -5.86 10.49
N LEU A 135 -5.17 -4.67 9.94
CA LEU A 135 -3.88 -3.99 9.90
C LEU A 135 -4.15 -2.54 9.54
N SER A 136 -3.21 -1.66 9.91
CA SER A 136 -3.23 -0.26 9.53
C SER A 136 -1.96 0.02 8.74
N TYR A 137 -2.10 0.57 7.55
CA TYR A 137 -0.95 0.69 6.64
C TYR A 137 -0.89 2.08 6.02
N LEU A 138 0.33 2.46 5.64
CA LEU A 138 0.60 3.64 4.83
C LEU A 138 0.51 3.26 3.36
N ALA A 139 -0.36 3.95 2.62
CA ALA A 139 -0.63 3.57 1.24
C ALA A 139 0.62 3.67 0.37
N SER A 140 1.37 4.75 0.50
CA SER A 140 2.54 4.99 -0.36
C SER A 140 3.38 6.10 0.24
N PRO A 141 4.14 5.79 1.30
CA PRO A 141 4.72 6.87 2.13
C PRO A 141 5.88 7.61 1.51
N GLY A 142 6.36 7.27 0.31
CA GLY A 142 7.29 8.13 -0.38
C GLY A 142 6.69 9.42 -0.90
N GLY A 143 5.37 9.45 -1.05
CA GLY A 143 4.72 10.62 -1.62
C GLY A 143 3.43 11.08 -0.99
N THR A 144 2.80 10.26 -0.13
CA THR A 144 1.54 10.62 0.49
C THR A 144 1.57 10.21 1.96
N SER A 145 0.92 11.02 2.80
CA SER A 145 0.80 10.70 4.22
C SER A 145 -0.28 9.68 4.53
N GLU A 146 -1.08 9.29 3.53
CA GLU A 146 -2.33 8.60 3.81
C GLU A 146 -2.10 7.28 4.53
N ARG A 147 -2.81 7.11 5.64
CA ARG A 147 -2.88 5.87 6.40
C ARG A 147 -4.31 5.35 6.31
N LEU A 148 -4.43 4.02 6.17
CA LEU A 148 -5.71 3.35 6.10
C LEU A 148 -5.71 2.24 7.14
N SER A 149 -6.77 2.18 7.93
CA SER A 149 -6.89 1.21 9.01
C SER A 149 -8.04 0.27 8.67
N ILE A 150 -7.72 -1.03 8.52
CA ILE A 150 -8.66 -2.04 8.06
C ILE A 150 -9.18 -2.85 9.23
N LEU A 151 -10.50 -3.04 9.26
CA LEU A 151 -11.15 -4.01 10.12
C LEU A 151 -11.83 -5.07 9.27
N VAL A 152 -12.01 -6.26 9.83
CA VAL A 152 -12.95 -7.23 9.27
C VAL A 152 -14.24 -7.12 10.06
N GLY A 153 -15.36 -7.12 9.36
CA GLY A 153 -16.66 -6.99 9.98
C GLY A 153 -17.59 -8.12 9.62
N GLU A 154 -18.25 -8.65 10.64
CA GLU A 154 -19.16 -9.78 10.51
C GLU A 154 -20.46 -9.31 9.88
N VAL A 155 -20.85 -9.92 8.76
CA VAL A 155 -22.08 -9.54 8.06
C VAL A 155 -22.84 -10.79 7.65
N ASP A 156 -24.13 -10.58 7.39
CA ASP A 156 -24.99 -11.57 6.72
C ASP A 156 -25.03 -11.18 5.25
N ALA A 157 -24.26 -11.90 4.43
CA ALA A 157 -24.14 -11.51 3.03
C ALA A 157 -25.44 -11.68 2.25
N SER A 158 -26.37 -12.49 2.74
CA SER A 158 -27.66 -12.63 2.08
C SER A 158 -28.46 -11.33 2.11
N THR A 159 -28.12 -10.41 3.00
CA THR A 159 -28.79 -9.12 3.10
C THR A 159 -28.18 -8.08 2.15
N ALA A 160 -27.14 -8.43 1.41
CA ALA A 160 -26.53 -7.51 0.47
C ALA A 160 -27.22 -7.60 -0.88
N ASP A 172 -22.69 6.47 -6.75
CA ASP A 172 -23.08 5.38 -7.64
C ASP A 172 -22.23 4.13 -7.36
N ILE A 173 -22.81 3.20 -6.59
CA ILE A 173 -22.09 2.03 -6.10
C ILE A 173 -22.96 0.81 -6.36
N ARG A 174 -22.34 -0.30 -6.73
CA ARG A 174 -23.01 -1.57 -6.89
C ARG A 174 -22.40 -2.60 -5.94
N VAL A 175 -23.25 -3.40 -5.30
CA VAL A 175 -22.80 -4.36 -4.30
C VAL A 175 -22.72 -5.75 -4.94
N HIS A 176 -21.61 -6.44 -4.71
CA HIS A 176 -21.40 -7.79 -5.21
C HIS A 176 -21.13 -8.73 -4.04
N VAL A 177 -21.70 -9.93 -4.09
CA VAL A 177 -21.41 -10.97 -3.12
C VAL A 177 -20.72 -12.11 -3.86
N VAL A 178 -19.55 -12.52 -3.36
CA VAL A 178 -18.83 -13.65 -3.92
C VAL A 178 -18.25 -14.49 -2.78
N SER A 179 -17.92 -15.73 -3.12
CA SER A 179 -17.23 -16.57 -2.14
C SER A 179 -15.86 -15.96 -1.83
N ARG A 180 -15.38 -16.21 -0.61
CA ARG A 180 -14.02 -15.85 -0.28
C ARG A 180 -13.04 -16.42 -1.29
N GLU A 181 -13.21 -17.70 -1.67
CA GLU A 181 -12.27 -18.30 -2.59
C GLU A 181 -12.25 -17.57 -3.92
N GLN A 182 -13.42 -17.17 -4.44
CA GLN A 182 -13.44 -16.42 -5.68
C GLN A 182 -12.77 -15.05 -5.51
N ALA A 183 -13.03 -14.37 -4.40
CA ALA A 183 -12.44 -13.05 -4.20
C ALA A 183 -10.91 -13.15 -4.17
N TYR A 184 -10.39 -14.15 -3.45
CA TYR A 184 -8.95 -14.34 -3.41
C TYR A 184 -8.40 -14.74 -4.78
N GLN A 185 -9.09 -15.60 -5.51
CA GLN A 185 -8.67 -15.93 -6.87
CA GLN A 185 -8.62 -15.92 -6.85
C GLN A 185 -8.57 -14.67 -7.72
N TRP A 186 -9.50 -13.73 -7.54
CA TRP A 186 -9.44 -12.49 -8.30
C TRP A 186 -8.25 -11.63 -7.92
N VAL A 187 -7.81 -11.68 -6.65
CA VAL A 187 -6.55 -11.06 -6.29
C VAL A 187 -5.39 -11.71 -7.04
N GLU A 188 -5.36 -13.04 -7.05
CA GLU A 188 -4.28 -13.75 -7.74
CA GLU A 188 -4.26 -13.73 -7.73
C GLU A 188 -4.23 -13.38 -9.22
N GLU A 189 -5.40 -13.25 -9.85
CA GLU A 189 -5.52 -12.97 -11.26
C GLU A 189 -5.38 -11.49 -11.61
N GLY A 190 -5.33 -10.61 -10.61
CA GLY A 190 -5.24 -9.19 -10.87
C GLY A 190 -6.56 -8.48 -11.12
N LYS A 191 -7.68 -9.18 -10.97
CA LYS A 191 -8.99 -8.55 -11.14
CA LYS A 191 -9.00 -8.57 -11.12
C LYS A 191 -9.40 -7.73 -9.92
N ILE A 192 -8.80 -7.98 -8.76
CA ILE A 192 -8.86 -7.10 -7.60
C ILE A 192 -7.41 -6.70 -7.36
N ASP A 193 -7.12 -5.40 -7.51
CA ASP A 193 -5.73 -4.95 -7.48
C ASP A 193 -5.57 -3.56 -6.87
N ASN A 194 -6.44 -3.19 -5.94
CA ASN A 194 -6.26 -2.00 -5.13
C ASN A 194 -5.73 -2.41 -3.75
N ALA A 195 -4.83 -1.61 -3.19
CA ALA A 195 -4.09 -2.01 -1.99
C ALA A 195 -4.99 -2.47 -0.86
N ALA A 196 -6.04 -1.70 -0.53
CA ALA A 196 -6.84 -2.04 0.63
C ALA A 196 -7.47 -3.42 0.47
N SER A 197 -7.95 -3.73 -0.72
CA SER A 197 -8.61 -5.01 -0.93
C SER A 197 -7.63 -6.16 -0.99
N VAL A 198 -6.47 -5.92 -1.62
CA VAL A 198 -5.43 -6.95 -1.67
C VAL A 198 -4.98 -7.31 -0.25
N ILE A 199 -4.68 -6.29 0.56
CA ILE A 199 -4.22 -6.52 1.92
C ILE A 199 -5.29 -7.26 2.72
N ALA A 200 -6.54 -6.79 2.63
CA ALA A 200 -7.60 -7.40 3.40
C ALA A 200 -7.84 -8.84 2.99
N LEU A 201 -7.87 -9.12 1.69
CA LEU A 201 -8.18 -10.47 1.22
C LEU A 201 -7.01 -11.43 1.42
N GLN A 202 -5.75 -10.94 1.32
CA GLN A 202 -4.64 -11.80 1.69
C GLN A 202 -4.70 -12.16 3.17
N TRP A 203 -4.99 -11.15 4.02
CA TRP A 203 -5.16 -11.41 5.43
C TRP A 203 -6.26 -12.44 5.66
N LEU A 204 -7.38 -12.29 4.97
CA LEU A 204 -8.47 -13.23 5.13
C LEU A 204 -8.04 -14.64 4.71
N GLN A 205 -7.24 -14.75 3.65
CA GLN A 205 -6.81 -16.06 3.22
C GLN A 205 -5.93 -16.72 4.27
N LEU A 206 -5.17 -15.91 5.02
CA LEU A 206 -4.31 -16.42 6.09
C LEU A 206 -5.07 -16.68 7.39
N HIS A 207 -6.24 -16.07 7.59
CA HIS A 207 -6.91 -16.13 8.89
C HIS A 207 -8.34 -16.64 8.88
N TYR A 208 -8.90 -17.01 7.72
CA TYR A 208 -10.32 -17.28 7.68
C TYR A 208 -10.73 -18.49 8.50
N HIS A 209 -9.89 -19.53 8.54
CA HIS A 209 -10.30 -20.73 9.24
CA HIS A 209 -10.29 -20.74 9.24
C HIS A 209 -10.56 -20.44 10.71
N ASN A 210 -9.62 -19.76 11.37
CA ASN A 210 -9.80 -19.43 12.77
C ASN A 210 -10.93 -18.42 12.95
N LEU A 211 -11.05 -17.46 12.02
CA LEU A 211 -12.11 -16.45 12.14
C LEU A 211 -13.50 -17.08 12.02
N ARG A 212 -13.69 -18.00 11.08
CA ARG A 212 -14.99 -18.66 10.98
C ARG A 212 -15.31 -19.42 12.26
N ASN A 213 -14.34 -20.12 12.84
CA ASN A 213 -14.58 -20.82 14.10
C ASN A 213 -14.94 -19.82 15.21
N GLU A 214 -14.25 -18.68 15.25
CA GLU A 214 -14.50 -17.70 16.30
C GLU A 214 -15.90 -17.12 16.19
N TRP A 215 -16.38 -16.89 14.98
CA TRP A 215 -17.63 -16.17 14.75
C TRP A 215 -18.85 -17.08 14.55
N THR A 216 -18.70 -18.39 14.43
CA THR A 216 -19.85 -19.28 14.38
C THR A 216 -20.04 -20.08 15.66
N LYS A 217 -19.28 -19.76 16.70
CA LYS A 217 -19.36 -20.43 17.99
C LYS A 217 -20.79 -20.36 18.48
N GLN B 14 -20.58 -12.23 -13.20
CA GLN B 14 -19.95 -11.59 -12.06
C GLN B 14 -18.77 -10.72 -12.48
N GLY B 15 -18.27 -9.94 -11.54
CA GLY B 15 -17.22 -8.99 -11.85
C GLY B 15 -17.79 -7.62 -12.16
N ILE B 16 -16.88 -6.73 -12.61
CA ILE B 16 -17.25 -5.34 -12.82
C ILE B 16 -18.27 -5.22 -13.94
N THR B 17 -18.94 -4.08 -13.97
CA THR B 17 -20.10 -3.84 -14.82
C THR B 17 -19.77 -3.05 -16.08
N PHE B 18 -18.81 -2.14 -16.02
CA PHE B 18 -18.58 -1.19 -17.09
C PHE B 18 -17.12 -1.18 -17.49
N SER B 19 -16.87 -0.69 -18.71
CA SER B 19 -15.57 -0.67 -19.35
C SER B 19 -15.22 0.75 -19.76
N LYS B 20 -14.08 0.89 -20.46
CA LYS B 20 -13.69 2.21 -20.98
C LYS B 20 -14.66 2.72 -22.04
N ASN B 21 -15.47 1.85 -22.62
CA ASN B 21 -16.51 2.33 -23.53
C ASN B 21 -17.54 3.18 -22.81
N ASP B 22 -17.61 3.09 -21.48
CA ASP B 22 -18.67 3.66 -20.69
C ASP B 22 -18.26 4.92 -19.94
N VAL B 23 -17.05 5.41 -20.19
CA VAL B 23 -16.54 6.62 -19.55
C VAL B 23 -15.83 7.45 -20.60
N GLU B 24 -16.02 8.77 -20.54
CA GLU B 24 -15.27 9.71 -21.37
C GLU B 24 -14.53 10.68 -20.46
N ILE B 25 -13.21 10.73 -20.59
CA ILE B 25 -12.42 11.78 -19.95
C ILE B 25 -12.44 12.97 -20.91
N ILE B 26 -13.09 14.04 -20.46
CA ILE B 26 -13.27 15.23 -21.27
C ILE B 26 -12.00 16.09 -21.32
N ALA B 27 -11.30 16.19 -20.19
CA ALA B 27 -10.14 17.05 -20.12
C ALA B 27 -9.39 16.72 -18.83
N ARG B 28 -8.14 17.13 -18.79
CA ARG B 28 -7.33 17.10 -17.59
C ARG B 28 -6.71 18.48 -17.43
N GLU B 29 -6.66 18.96 -16.20
CA GLU B 29 -6.12 20.28 -15.90
C GLU B 29 -5.05 20.14 -14.83
N THR B 30 -3.88 20.69 -15.06
CA THR B 30 -2.84 20.67 -14.04
C THR B 30 -3.16 21.70 -12.96
N LEU B 31 -3.36 21.22 -11.74
CA LEU B 31 -3.61 22.08 -10.60
C LEU B 31 -2.32 22.50 -9.90
N TYR B 32 -1.34 21.60 -9.86
CA TYR B 32 -0.04 21.85 -9.26
C TYR B 32 1.01 21.12 -10.09
N ARG B 33 2.07 21.84 -10.46
CA ARG B 33 3.16 21.31 -11.26
C ARG B 33 4.45 21.52 -10.47
N GLY B 34 5.00 20.43 -9.92
CA GLY B 34 6.24 20.51 -9.19
C GLY B 34 7.08 19.28 -9.44
N PHE B 35 7.69 18.74 -8.39
CA PHE B 35 8.35 17.44 -8.53
C PHE B 35 7.34 16.39 -8.93
N PHE B 36 6.22 16.33 -8.21
CA PHE B 36 5.03 15.59 -8.59
C PHE B 36 4.03 16.59 -9.15
N SER B 37 2.87 16.07 -9.56
CA SER B 37 1.81 16.92 -10.06
CA SER B 37 1.81 16.94 -10.03
C SER B 37 0.48 16.51 -9.43
N LEU B 38 -0.45 17.46 -9.38
CA LEU B 38 -1.84 17.19 -9.03
C LEU B 38 -2.66 17.63 -10.24
N ASP B 39 -3.45 16.72 -10.78
CA ASP B 39 -4.26 16.98 -11.97
C ASP B 39 -5.74 16.90 -11.62
N LEU B 40 -6.54 17.71 -12.29
CA LEU B 40 -7.98 17.58 -12.23
C LEU B 40 -8.45 16.80 -13.44
N TYR B 41 -9.06 15.63 -13.21
CA TYR B 41 -9.69 14.90 -14.30
C TYR B 41 -11.14 15.36 -14.38
N ARG B 42 -11.62 15.62 -15.59
CA ARG B 42 -13.00 15.98 -15.87
C ARG B 42 -13.57 14.88 -16.76
N PHE B 43 -14.66 14.27 -16.33
CA PHE B 43 -15.14 13.07 -17.01
C PHE B 43 -16.64 12.87 -16.79
N ARG B 44 -17.22 12.04 -17.63
CA ARG B 44 -18.59 11.56 -17.42
C ARG B 44 -18.59 10.05 -17.58
N HIS B 45 -19.58 9.40 -16.98
CA HIS B 45 -19.59 7.94 -16.99
C HIS B 45 -21.00 7.41 -16.79
N ARG B 46 -21.21 6.18 -17.27
CA ARG B 46 -22.48 5.52 -17.06
C ARG B 46 -22.70 5.25 -15.58
N LEU B 47 -23.97 5.27 -15.19
CA LEU B 47 -24.42 5.02 -13.84
C LEU B 47 -25.05 3.63 -13.75
N PHE B 48 -24.97 3.03 -12.57
CA PHE B 48 -25.58 1.73 -12.38
C PHE B 48 -27.09 1.77 -12.61
N ASN B 49 -27.73 2.92 -12.37
CA ASN B 49 -29.18 3.04 -12.55
C ASN B 49 -29.60 3.16 -14.00
N GLY B 50 -28.65 3.15 -14.95
CA GLY B 50 -28.98 3.15 -16.36
C GLY B 50 -28.79 4.46 -17.08
N GLY B 51 -28.47 5.54 -16.36
CA GLY B 51 -28.26 6.82 -16.96
C GLY B 51 -26.78 7.17 -17.14
N MET B 52 -26.56 8.41 -17.54
CA MET B 52 -25.23 8.99 -17.66
C MET B 52 -25.05 10.02 -16.56
N SER B 53 -23.86 10.05 -15.98
CA SER B 53 -23.54 11.08 -15.01
C SER B 53 -23.48 12.45 -15.68
N GLY B 54 -23.53 13.48 -14.86
CA GLY B 54 -23.11 14.79 -15.29
C GLY B 54 -21.58 14.81 -15.39
N GLU B 55 -21.05 16.01 -15.58
CA GLU B 55 -19.61 16.20 -15.59
C GLU B 55 -19.08 16.08 -14.16
N ILE B 56 -18.15 15.17 -13.95
CA ILE B 56 -17.55 14.92 -12.65
C ILE B 56 -16.12 15.43 -12.72
N THR B 57 -15.62 15.97 -11.61
CA THR B 57 -14.20 16.26 -11.47
C THR B 57 -13.63 15.51 -10.28
N ARG B 58 -12.35 15.15 -10.41
CA ARG B 58 -11.59 14.57 -9.29
C ARG B 58 -10.15 15.06 -9.35
N GLU B 59 -9.63 15.43 -8.17
CA GLU B 59 -8.22 15.74 -8.02
C GLU B 59 -7.42 14.46 -7.88
N ILE B 60 -6.36 14.32 -8.67
CA ILE B 60 -5.58 13.08 -8.77
C ILE B 60 -4.09 13.40 -8.64
N PHE B 61 -3.44 12.77 -7.66
CA PHE B 61 -2.00 12.90 -7.45
C PHE B 61 -1.27 12.01 -8.45
N GLU B 62 -0.42 12.64 -9.28
CA GLU B 62 0.32 11.99 -10.34
C GLU B 62 1.80 12.00 -9.97
N ARG B 63 2.36 10.80 -9.76
CA ARG B 63 3.76 10.67 -9.35
C ARG B 63 4.43 9.50 -10.05
N GLY B 64 3.91 9.08 -11.21
CA GLY B 64 4.49 7.95 -11.89
C GLY B 64 4.17 6.64 -11.19
N HIS B 65 4.90 5.62 -11.58
CA HIS B 65 4.64 4.25 -11.17
C HIS B 65 5.95 3.59 -10.75
N ALA B 66 5.83 2.54 -9.95
CA ALA B 66 7.00 1.97 -9.30
C ALA B 66 7.14 0.48 -9.56
N ALA B 67 8.39 0.03 -9.45
CA ALA B 67 8.75 -1.37 -9.36
C ALA B 67 9.21 -1.65 -7.94
N VAL B 68 8.80 -2.79 -7.39
CA VAL B 68 9.08 -3.17 -6.01
C VAL B 68 9.68 -4.57 -6.03
N LEU B 69 10.71 -4.79 -5.23
CA LEU B 69 11.36 -6.10 -5.14
C LEU B 69 11.34 -6.60 -3.71
N LEU B 70 10.75 -7.78 -3.52
CA LEU B 70 10.89 -8.54 -2.28
C LEU B 70 12.15 -9.38 -2.41
N PRO B 71 13.25 -9.07 -1.68
CA PRO B 71 14.46 -9.88 -1.81
C PRO B 71 14.39 -11.06 -0.86
N PHE B 72 14.24 -12.27 -1.41
CA PHE B 72 14.02 -13.49 -0.63
C PHE B 72 15.16 -14.46 -0.90
N ASP B 73 15.76 -14.96 0.19
CA ASP B 73 16.79 -15.98 0.10
C ASP B 73 16.10 -17.30 0.40
N PRO B 74 15.86 -18.14 -0.61
CA PRO B 74 15.09 -19.36 -0.38
C PRO B 74 15.90 -20.45 0.30
N VAL B 75 17.23 -20.37 0.26
CA VAL B 75 18.05 -21.34 0.97
C VAL B 75 17.96 -21.11 2.47
N ARG B 76 18.12 -19.85 2.89
CA ARG B 76 18.15 -19.51 4.30
CA ARG B 76 18.15 -19.50 4.30
C ARG B 76 16.78 -19.15 4.85
N ASP B 77 15.78 -19.00 3.98
CA ASP B 77 14.44 -18.55 4.38
C ASP B 77 14.53 -17.19 5.09
N GLU B 78 15.19 -16.24 4.42
CA GLU B 78 15.44 -14.91 4.96
C GLU B 78 14.94 -13.86 3.98
N VAL B 79 14.61 -12.70 4.52
CA VAL B 79 14.14 -11.55 3.76
C VAL B 79 15.06 -10.38 4.04
N VAL B 80 15.35 -9.59 3.00
CA VAL B 80 16.13 -8.37 3.15
C VAL B 80 15.19 -7.19 3.15
N LEU B 81 15.26 -6.36 4.18
CA LEU B 81 14.52 -5.13 4.31
C LEU B 81 15.48 -3.95 4.23
N VAL B 82 14.97 -2.80 3.79
CA VAL B 82 15.74 -1.57 3.78
C VAL B 82 15.06 -0.53 4.67
N GLU B 83 15.84 0.18 5.45
CA GLU B 83 15.34 1.18 6.38
C GLU B 83 15.74 2.57 5.91
N GLN B 84 14.77 3.47 5.82
CA GLN B 84 15.09 4.85 5.49
C GLN B 84 13.93 5.73 5.93
N ILE B 85 14.22 7.04 6.05
CA ILE B 85 13.21 7.98 6.48
C ILE B 85 12.22 8.25 5.35
N ARG B 86 10.94 8.25 5.70
CA ARG B 86 9.84 8.62 4.80
C ARG B 86 9.05 9.68 5.58
N ILE B 87 9.33 10.96 5.31
CA ILE B 87 8.80 12.02 6.16
C ILE B 87 7.28 12.04 6.14
N ALA B 88 6.66 11.61 5.04
CA ALA B 88 5.20 11.60 5.00
C ALA B 88 4.58 10.71 6.08
N ALA B 89 5.33 9.73 6.58
CA ALA B 89 4.83 8.85 7.64
C ALA B 89 4.75 9.55 8.99
N TYR B 90 5.35 10.73 9.12
CA TYR B 90 5.61 11.32 10.43
C TYR B 90 4.34 11.48 11.26
N ASP B 91 3.28 12.03 10.68
CA ASP B 91 2.14 12.45 11.47
C ASP B 91 1.34 11.27 12.06
N THR B 92 1.45 10.08 11.48
CA THR B 92 0.61 8.97 11.92
C THR B 92 1.40 7.77 12.42
N SER B 93 2.72 7.90 12.55
CA SER B 93 3.60 6.77 12.84
C SER B 93 4.45 7.08 14.05
N GLU B 94 4.92 6.03 14.72
CA GLU B 94 5.80 6.22 15.86
C GLU B 94 7.12 6.84 15.42
N SER B 95 7.59 6.47 14.23
CA SER B 95 8.81 7.03 13.68
C SER B 95 8.66 7.12 12.17
N PRO B 96 9.27 8.13 11.53
CA PRO B 96 9.22 8.19 10.06
C PRO B 96 10.22 7.28 9.38
N TRP B 97 11.14 6.66 10.12
CA TRP B 97 11.99 5.63 9.53
C TRP B 97 11.19 4.36 9.39
N LEU B 98 11.11 3.84 8.16
CA LEU B 98 10.30 2.68 7.84
C LEU B 98 11.17 1.54 7.32
N LEU B 99 10.70 0.32 7.57
CA LEU B 99 11.27 -0.90 7.00
C LEU B 99 10.47 -1.27 5.76
N GLU B 100 11.13 -1.34 4.61
CA GLU B 100 10.46 -1.41 3.33
C GLU B 100 11.14 -2.38 2.38
N MET B 101 10.45 -2.62 1.27
CA MET B 101 11.01 -3.33 0.14
C MET B 101 11.84 -2.38 -0.72
N VAL B 102 12.85 -2.93 -1.39
CA VAL B 102 13.54 -2.22 -2.45
C VAL B 102 12.53 -1.76 -3.50
N ALA B 103 12.67 -0.53 -3.97
CA ALA B 103 11.71 0.01 -4.93
C ALA B 103 12.25 1.24 -5.64
N GLY B 104 11.69 1.50 -6.82
CA GLY B 104 12.02 2.74 -7.51
C GLY B 104 11.05 3.03 -8.64
N MET B 105 11.15 4.24 -9.16
CA MET B 105 10.25 4.66 -10.22
C MET B 105 10.63 3.98 -11.54
N ILE B 106 9.62 3.68 -12.34
CA ILE B 106 9.82 3.12 -13.66
C ILE B 106 9.83 4.28 -14.65
N GLU B 107 10.98 4.52 -15.27
CA GLU B 107 11.10 5.59 -16.26
C GLU B 107 10.69 5.08 -17.63
N ALA B 108 10.47 6.02 -18.54
CA ALA B 108 9.96 5.69 -19.86
C ALA B 108 10.85 4.65 -20.52
N GLY B 109 10.22 3.58 -21.03
CA GLY B 109 10.92 2.56 -21.75
C GLY B 109 11.50 1.44 -20.92
N GLU B 110 11.45 1.55 -19.58
CA GLU B 110 12.07 0.57 -18.72
C GLU B 110 11.10 -0.54 -18.37
N THR B 111 11.66 -1.70 -18.02
CA THR B 111 10.87 -2.81 -17.53
C THR B 111 10.90 -2.82 -16.01
N VAL B 112 9.88 -3.46 -15.42
CA VAL B 112 9.82 -3.63 -13.98
C VAL B 112 11.09 -4.32 -13.47
N GLU B 113 11.54 -5.36 -14.20
CA GLU B 113 12.73 -6.10 -13.78
C GLU B 113 13.99 -5.23 -13.82
N ASP B 114 14.15 -4.44 -14.88
CA ASP B 114 15.32 -3.58 -14.96
C ASP B 114 15.40 -2.69 -13.73
N VAL B 115 14.28 -2.07 -13.36
CA VAL B 115 14.29 -1.16 -12.21
C VAL B 115 14.56 -1.92 -10.93
N ALA B 116 13.88 -3.06 -10.74
CA ALA B 116 14.07 -3.82 -9.51
C ALA B 116 15.52 -4.24 -9.33
N ARG B 117 16.17 -4.71 -10.40
CA ARG B 117 17.56 -5.13 -10.30
C ARG B 117 18.48 -3.95 -10.01
N ARG B 118 18.24 -2.81 -10.66
CA ARG B 118 19.06 -1.63 -10.41
C ARG B 118 18.89 -1.16 -8.97
N GLU B 119 17.66 -1.06 -8.49
CA GLU B 119 17.43 -0.59 -7.12
C GLU B 119 17.96 -1.60 -6.10
N ALA B 120 17.88 -2.90 -6.38
CA ALA B 120 18.43 -3.87 -5.43
C ALA B 120 19.92 -3.65 -5.24
N LEU B 121 20.63 -3.29 -6.31
CA LEU B 121 22.05 -3.01 -6.20
C LEU B 121 22.31 -1.68 -5.50
N GLU B 122 21.54 -0.64 -5.86
CA GLU B 122 21.79 0.71 -5.32
C GLU B 122 21.32 0.84 -3.88
N GLU B 123 20.19 0.22 -3.52
CA GLU B 123 19.62 0.38 -2.20
C GLU B 123 20.09 -0.67 -1.20
N ALA B 124 20.55 -1.83 -1.68
CA ALA B 124 20.87 -2.93 -0.76
C ALA B 124 22.16 -3.66 -1.12
N GLY B 125 22.86 -3.27 -2.19
CA GLY B 125 24.08 -3.95 -2.57
C GLY B 125 23.88 -5.36 -3.05
N LEU B 126 22.70 -5.68 -3.55
CA LEU B 126 22.29 -7.06 -3.82
C LEU B 126 22.27 -7.36 -5.30
N GLU B 127 22.90 -8.46 -5.68
CA GLU B 127 22.62 -9.10 -6.94
C GLU B 127 21.36 -9.95 -6.80
N VAL B 128 20.63 -10.09 -7.90
CA VAL B 128 19.39 -10.84 -7.92
C VAL B 128 19.51 -11.97 -8.93
N GLY B 129 19.03 -13.14 -8.53
CA GLY B 129 19.01 -14.29 -9.41
C GLY B 129 17.72 -14.36 -10.20
N ARG B 130 16.97 -15.44 -10.01
CA ARG B 130 15.65 -15.57 -10.63
C ARG B 130 14.65 -14.58 -10.03
N THR B 131 13.63 -14.24 -10.82
CA THR B 131 12.57 -13.36 -10.37
C THR B 131 11.24 -13.90 -10.87
N LYS B 132 10.18 -13.60 -10.12
CA LYS B 132 8.80 -13.98 -10.43
C LYS B 132 7.91 -12.81 -10.04
N PRO B 133 6.84 -12.52 -10.78
CA PRO B 133 5.88 -11.52 -10.30
C PRO B 133 5.19 -11.97 -9.03
N ILE B 134 4.89 -11.00 -8.17
CA ILE B 134 3.96 -11.20 -7.07
C ILE B 134 2.58 -10.68 -7.50
N LEU B 135 2.43 -9.36 -7.54
CA LEU B 135 1.17 -8.69 -7.81
C LEU B 135 1.49 -7.25 -8.20
N SER B 136 0.59 -6.64 -8.96
CA SER B 136 0.68 -5.22 -9.29
C SER B 136 -0.58 -4.54 -8.78
N TYR B 137 -0.41 -3.48 -7.98
CA TYR B 137 -1.56 -2.90 -7.28
C TYR B 137 -1.57 -1.38 -7.40
N LEU B 138 -2.76 -0.83 -7.25
CA LEU B 138 -2.99 0.62 -7.15
C LEU B 138 -2.89 1.01 -5.68
N ALA B 139 -2.00 1.95 -5.38
CA ALA B 139 -1.75 2.31 -3.98
C ALA B 139 -2.98 2.85 -3.28
N SER B 140 -3.72 3.75 -3.93
CA SER B 140 -4.88 4.39 -3.31
C SER B 140 -5.67 5.08 -4.42
N PRO B 141 -6.43 4.30 -5.21
CA PRO B 141 -6.92 4.82 -6.49
C PRO B 141 -8.06 5.81 -6.39
N GLY B 142 -8.58 6.13 -5.20
CA GLY B 142 -9.49 7.25 -5.11
C GLY B 142 -8.81 8.60 -5.29
N GLY B 143 -7.50 8.67 -5.06
CA GLY B 143 -6.82 9.94 -5.12
C GLY B 143 -5.47 9.98 -5.81
N THR B 144 -4.90 8.84 -6.18
CA THR B 144 -3.64 8.81 -6.91
C THR B 144 -3.69 7.73 -7.97
N SER B 145 -3.01 7.98 -9.09
CA SER B 145 -2.93 6.99 -10.16
C SER B 145 -1.86 5.94 -9.90
N GLU B 146 -1.08 6.08 -8.83
CA GLU B 146 0.13 5.29 -8.71
C GLU B 146 -0.16 3.79 -8.70
N ARG B 147 0.56 3.08 -9.56
CA ARG B 147 0.59 1.62 -9.58
C ARG B 147 2.00 1.17 -9.21
N LEU B 148 2.08 0.10 -8.42
CA LEU B 148 3.34 -0.49 -8.00
C LEU B 148 3.30 -1.96 -8.37
N SER B 149 4.32 -2.42 -9.08
CA SER B 149 4.41 -3.79 -9.56
C SER B 149 5.50 -4.51 -8.78
N ILE B 150 5.10 -5.54 -8.03
CA ILE B 150 5.99 -6.24 -7.11
C ILE B 150 6.50 -7.52 -7.75
N LEU B 151 7.80 -7.75 -7.64
CA LEU B 151 8.46 -9.00 -7.97
C LEU B 151 9.06 -9.58 -6.72
N VAL B 152 9.20 -10.90 -6.67
CA VAL B 152 10.09 -11.55 -5.72
C VAL B 152 11.39 -11.89 -6.44
N GLY B 153 12.51 -11.59 -5.81
CA GLY B 153 13.82 -11.83 -6.38
C GLY B 153 14.66 -12.74 -5.48
N GLU B 154 15.30 -13.72 -6.11
CA GLU B 154 16.20 -14.65 -5.41
C GLU B 154 17.48 -13.93 -5.04
N VAL B 155 17.81 -13.91 -3.75
CA VAL B 155 19.05 -13.29 -3.28
C VAL B 155 19.77 -14.21 -2.31
N ASP B 156 21.06 -13.91 -2.11
CA ASP B 156 21.87 -14.50 -1.04
C ASP B 156 21.89 -13.47 0.08
N ALA B 157 21.12 -13.71 1.14
CA ALA B 157 21.00 -12.72 2.19
C ALA B 157 22.29 -12.51 2.97
N SER B 158 23.24 -13.44 2.91
CA SER B 158 24.51 -13.18 3.57
C SER B 158 25.29 -12.06 2.90
N THR B 159 24.91 -11.66 1.68
CA THR B 159 25.57 -10.55 1.00
C THR B 159 24.88 -9.23 1.23
N ALA B 160 23.81 -9.21 2.02
CA ALA B 160 23.00 -8.03 2.27
C ALA B 160 23.40 -7.49 3.64
N LYS B 161 24.04 -6.32 3.62
CA LYS B 161 24.48 -5.68 4.86
C LYS B 161 24.93 -4.27 4.53
N GLY B 162 24.87 -3.43 5.54
CA GLY B 162 25.51 -2.13 5.50
C GLY B 162 24.58 -1.02 5.10
N ILE B 163 25.20 0.11 4.79
CA ILE B 163 24.53 1.38 4.51
C ILE B 163 24.71 1.69 3.04
N HIS B 164 23.60 2.01 2.38
CA HIS B 164 23.54 2.16 0.93
C HIS B 164 22.72 3.40 0.60
N GLY B 165 22.32 3.51 -0.65
CA GLY B 165 21.65 4.71 -1.12
C GLY B 165 22.64 5.72 -1.69
N LEU B 166 22.13 6.54 -2.60
CA LEU B 166 22.97 7.53 -3.28
C LEU B 166 23.10 8.76 -2.38
N ALA B 167 24.30 8.96 -1.83
CA ALA B 167 24.50 10.09 -0.92
C ALA B 167 24.27 11.42 -1.62
N GLU B 168 24.53 11.50 -2.92
CA GLU B 168 24.29 12.73 -3.65
C GLU B 168 22.80 13.07 -3.67
N GLU B 169 21.95 12.05 -3.80
CA GLU B 169 20.50 12.23 -3.76
C GLU B 169 19.96 12.33 -2.33
N ASN B 170 20.83 12.50 -1.33
CA ASN B 170 20.41 12.56 0.07
C ASN B 170 19.62 11.30 0.45
N GLU B 171 20.08 10.16 -0.05
CA GLU B 171 19.48 8.86 0.22
C GLU B 171 20.38 8.15 1.23
N ASP B 172 19.81 7.76 2.36
CA ASP B 172 20.53 7.09 3.45
C ASP B 172 19.72 5.86 3.85
N ILE B 173 20.24 4.68 3.54
CA ILE B 173 19.48 3.44 3.62
C ILE B 173 20.28 2.40 4.38
N ARG B 174 19.65 1.78 5.38
CA ARG B 174 20.29 0.72 6.15
C ARG B 174 19.65 -0.62 5.82
N VAL B 175 20.47 -1.62 5.54
CA VAL B 175 19.99 -2.95 5.20
C VAL B 175 19.79 -3.75 6.48
N HIS B 176 18.65 -4.42 6.57
CA HIS B 176 18.36 -5.37 7.64
C HIS B 176 18.05 -6.74 7.04
N VAL B 177 18.55 -7.80 7.67
CA VAL B 177 18.21 -9.16 7.29
C VAL B 177 17.46 -9.81 8.44
N VAL B 178 16.31 -10.40 8.13
CA VAL B 178 15.49 -11.11 9.11
C VAL B 178 15.08 -12.44 8.51
N SER B 179 14.66 -13.37 9.36
CA SER B 179 14.02 -14.56 8.80
C SER B 179 12.65 -14.19 8.24
N ARG B 180 12.13 -15.02 7.34
CA ARG B 180 10.79 -14.78 6.81
C ARG B 180 9.77 -14.72 7.95
N GLU B 181 9.82 -15.68 8.87
CA GLU B 181 8.84 -15.69 9.96
CA GLU B 181 8.85 -15.70 9.96
C GLU B 181 8.94 -14.42 10.79
N GLN B 182 10.15 -13.94 11.01
CA GLN B 182 10.38 -12.70 11.74
C GLN B 182 9.79 -11.50 10.99
N ALA B 183 10.01 -11.42 9.67
CA ALA B 183 9.43 -10.32 8.91
C ALA B 183 7.90 -10.35 8.98
N TYR B 184 7.31 -11.55 8.85
CA TYR B 184 5.86 -11.64 8.91
C TYR B 184 5.34 -11.27 10.30
N GLN B 185 6.03 -11.71 11.36
CA GLN B 185 5.66 -11.30 12.70
C GLN B 185 5.66 -9.78 12.82
N TRP B 186 6.65 -9.13 12.21
CA TRP B 186 6.71 -7.67 12.24
C TRP B 186 5.54 -7.05 11.50
N VAL B 187 5.03 -7.68 10.45
CA VAL B 187 3.79 -7.21 9.82
C VAL B 187 2.63 -7.31 10.80
N GLU B 188 2.50 -8.49 11.43
CA GLU B 188 1.37 -8.70 12.34
C GLU B 188 1.37 -7.68 13.47
N GLU B 189 2.56 -7.32 13.96
CA GLU B 189 2.70 -6.43 15.10
C GLU B 189 2.66 -4.96 14.72
N GLY B 190 2.66 -4.64 13.43
CA GLY B 190 2.63 -3.25 13.01
C GLY B 190 3.98 -2.60 12.84
N LYS B 191 5.08 -3.35 13.01
CA LYS B 191 6.42 -2.80 12.83
C LYS B 191 6.76 -2.61 11.35
N ILE B 192 6.11 -3.36 10.47
CA ILE B 192 6.13 -3.16 9.03
C ILE B 192 4.70 -2.85 8.64
N ASP B 193 4.46 -1.65 8.13
CA ASP B 193 3.09 -1.19 7.90
C ASP B 193 2.97 -0.29 6.68
N ASN B 194 3.77 -0.51 5.67
CA ASN B 194 3.61 0.17 4.38
C ASN B 194 3.08 -0.84 3.37
N ALA B 195 2.21 -0.37 2.48
CA ALA B 195 1.46 -1.28 1.62
C ALA B 195 2.34 -2.25 0.85
N ALA B 196 3.41 -1.76 0.22
CA ALA B 196 4.22 -2.63 -0.61
C ALA B 196 4.77 -3.79 0.19
N SER B 197 5.26 -3.51 1.39
CA SER B 197 5.88 -4.55 2.20
C SER B 197 4.83 -5.51 2.77
N VAL B 198 3.69 -4.98 3.21
CA VAL B 198 2.62 -5.83 3.72
C VAL B 198 2.15 -6.79 2.64
N ILE B 199 1.87 -6.27 1.45
CA ILE B 199 1.39 -7.11 0.35
C ILE B 199 2.42 -8.16 0.01
N ALA B 200 3.69 -7.76 -0.11
CA ALA B 200 4.74 -8.70 -0.47
C ALA B 200 4.89 -9.80 0.57
N LEU B 201 4.88 -9.43 1.85
CA LEU B 201 5.13 -10.41 2.90
C LEU B 201 3.93 -11.30 3.18
N GLN B 202 2.70 -10.77 3.02
CA GLN B 202 1.53 -11.65 3.07
C GLN B 202 1.56 -12.64 1.91
N TRP B 203 1.92 -12.17 0.72
CA TRP B 203 2.06 -13.08 -0.41
C TRP B 203 3.09 -14.15 -0.10
N LEU B 204 4.23 -13.75 0.46
CA LEU B 204 5.26 -14.71 0.80
C LEU B 204 4.77 -15.74 1.79
N GLN B 205 3.97 -15.33 2.78
CA GLN B 205 3.42 -16.29 3.73
C GLN B 205 2.51 -17.30 3.04
N LEU B 206 1.82 -16.87 1.98
CA LEU B 206 0.91 -17.75 1.25
C LEU B 206 1.62 -18.61 0.21
N HIS B 207 2.87 -18.28 -0.17
CA HIS B 207 3.52 -18.95 -1.30
C HIS B 207 4.91 -19.50 -1.00
N TYR B 208 5.44 -19.33 0.20
CA TYR B 208 6.84 -19.66 0.43
C TYR B 208 7.15 -21.13 0.24
N HIS B 209 6.21 -22.02 0.60
CA HIS B 209 6.52 -23.44 0.49
C HIS B 209 6.83 -23.82 -0.94
N ASN B 210 5.96 -23.43 -1.87
CA ASN B 210 6.19 -23.76 -3.28
C ASN B 210 7.37 -22.97 -3.85
N LEU B 211 7.55 -21.73 -3.42
CA LEU B 211 8.66 -20.92 -3.94
C LEU B 211 10.01 -21.50 -3.52
N ARG B 212 10.15 -21.88 -2.26
CA ARG B 212 11.41 -22.49 -1.82
C ARG B 212 11.68 -23.78 -2.57
N ASN B 213 10.64 -24.60 -2.79
CA ASN B 213 10.85 -25.84 -3.54
C ASN B 213 11.31 -25.54 -4.95
N GLU B 214 10.70 -24.54 -5.59
CA GLU B 214 11.03 -24.22 -6.98
C GLU B 214 12.47 -23.72 -7.09
N TRP B 215 12.92 -22.91 -6.14
CA TRP B 215 14.23 -22.28 -6.20
C TRP B 215 15.34 -23.04 -5.48
N THR B 216 15.04 -24.15 -4.80
CA THR B 216 16.08 -24.99 -4.22
C THR B 216 16.23 -26.32 -4.94
N LYS B 217 15.49 -26.54 -6.03
CA LYS B 217 15.68 -27.74 -6.84
C LYS B 217 17.09 -27.73 -7.42
P 5GP C . -15.06 9.04 -2.78
O1P 5GP C . -14.08 7.94 -2.42
O2P 5GP C . -15.40 9.17 -4.26
O3P 5GP C . -16.30 9.03 -1.91
O5' 5GP C . -14.31 10.39 -2.40
C5' 5GP C . -15.00 11.62 -2.37
C4' 5GP C . -14.08 12.72 -1.96
O4' 5GP C . -13.12 12.98 -3.00
C3' 5GP C . -14.70 14.09 -1.73
O3' 5GP C . -15.38 14.20 -0.49
C2' 5GP C . -13.50 15.04 -1.85
O2' 5GP C . -12.83 15.18 -0.61
C1' 5GP C . -12.57 14.26 -2.82
N9 5GP C . -12.45 14.97 -4.10
C8 5GP C . -11.27 15.17 -4.79
N7 5GP C . -11.42 15.83 -5.90
C5 5GP C . -12.78 16.12 -5.94
C6 5GP C . -13.51 16.84 -6.90
O6 5GP C . -13.08 17.38 -7.94
N1 5GP C . -14.87 16.87 -6.58
C2 5GP C . -15.44 16.32 -5.46
N2 5GP C . -16.76 16.47 -5.32
N3 5GP C . -14.74 15.64 -4.55
C4 5GP C . -13.43 15.58 -4.84
P 5GP D . 12.52 7.88 -3.32
O1P 5GP D . 11.04 8.21 -3.19
O2P 5GP D . 13.32 7.85 -2.04
O3P 5GP D . 12.74 6.65 -4.17
O5' 5GP D . 13.14 9.07 -4.20
C5' 5GP D . 14.54 9.36 -4.14
C4' 5GP D . 14.93 10.39 -5.18
O4' 5GP D . 13.77 11.20 -5.50
C3' 5GP D . 16.00 11.37 -4.75
O3' 5GP D . 16.71 11.85 -5.89
C2' 5GP D . 15.18 12.51 -4.16
O2' 5GP D . 15.84 13.75 -4.09
C1' 5GP D . 14.01 12.55 -5.15
N9 5GP D . 12.77 13.10 -4.61
C8 5GP D . 11.73 12.38 -4.08
N7 5GP D . 10.74 13.14 -3.66
C5 5GP D . 11.15 14.44 -3.94
C6 5GP D . 10.50 15.67 -3.72
O6 5GP D . 9.39 15.86 -3.22
N1 5GP D . 11.27 16.75 -4.16
C2 5GP D . 12.52 16.65 -4.74
N2 5GP D . 13.11 17.80 -5.09
N3 5GP D . 13.14 15.49 -4.94
C4 5GP D . 12.41 14.43 -4.53
MG MG E . 16.42 4.19 -4.92
#